data_4OIJ
#
_entry.id   4OIJ
#
_cell.length_a   45.480
_cell.length_b   48.860
_cell.length_c   51.050
_cell.angle_alpha   109.46
_cell.angle_beta   106.84
_cell.angle_gamma   109.00
#
_symmetry.space_group_name_H-M   'P 1'
#
loop_
_entity.id
_entity.type
_entity.pdbx_description
1 polymer 'C-C motif chemokine 1'
2 polymer D-Ser-CCL1
3 non-polymer 'SULFATE ION'
4 water water
#
loop_
_entity_poly.entity_id
_entity_poly.type
_entity_poly.pdbx_seq_one_letter_code
_entity_poly.pdbx_strand_id
1 'polypeptide(L)' SKSMQVPFSRCCFSFAEQEIPLRAILCYRNTSSICSNEGLIFKLKRGKEACALDTVGWVQRHRKMLRHCPSKRK A,B
2 'polypeptide(D)'
;(DSN)(DLY)(DSN)(MED)(DGN)(DVA)(DPR)(DPN)(DSN)(DAR)(DCY)(DCY)(DPN)(DSN)(DPN)(DAL)
(DGL)(DGN)(DGL)(DIL)(DPR)(DLE)(DAR)(DAL)(DIL)(DLE)(DCY)(DTY)(DAR)(DSG)(DTH)(DSN)
(DSN)(DIL)(DCY)(DSN)(DSG)(DGL)G(DLE)(DIL)(DPN)(DLY)(DLE)(DLY)(DAR)G(DLY)(DGL)
(DAL)(DCY)(DAL)(DLE)(DAS)(DTH)(DVA)G(DTR)(DVA)(DGN)(DAR)(DHI)(DAR)(DLY)(MED)
(DLE)(DAR)(DHI)(DCY)(DPR)(DSN)(DLY)(DAR)(DLY)
;
C,D
#
# COMPACT_ATOMS: atom_id res chain seq x y z
N MET A 4 11.65 5.08 -14.72
CA MET A 4 10.76 6.18 -14.34
C MET A 4 9.98 5.86 -13.04
N GLN A 5 10.04 4.60 -12.57
CA GLN A 5 9.32 4.16 -11.37
C GLN A 5 10.05 4.29 -10.03
N VAL A 6 9.31 4.83 -9.03
CA VAL A 6 9.73 5.05 -7.62
C VAL A 6 8.55 4.52 -6.81
N PRO A 7 8.43 3.17 -6.67
CA PRO A 7 7.21 2.60 -6.09
C PRO A 7 6.90 3.04 -4.69
N PHE A 8 5.61 3.10 -4.34
CA PHE A 8 5.22 3.43 -2.99
C PHE A 8 5.52 2.22 -2.15
N SER A 9 5.62 2.42 -0.86
CA SER A 9 5.89 1.32 0.04
C SER A 9 4.55 0.85 0.60
N ARG A 10 4.42 -0.43 0.93
CA ARG A 10 3.21 -0.95 1.59
C ARG A 10 3.53 -1.15 3.05
N CYS A 11 2.90 -0.36 3.92
CA CYS A 11 3.23 -0.43 5.34
C CYS A 11 2.03 -0.77 6.19
N CYS A 12 2.27 -1.45 7.29
CA CYS A 12 1.22 -1.85 8.22
C CYS A 12 1.51 -1.19 9.51
N PHE A 13 0.80 -0.10 9.81
CA PHE A 13 1.02 0.60 11.09
C PHE A 13 -0.09 0.24 12.11
N SER A 14 -1.15 -0.51 11.68
CA SER A 14 -2.23 -0.96 12.54
C SER A 14 -2.47 -2.42 12.17
N PHE A 15 -2.73 -3.29 13.17
CA PHE A 15 -2.90 -4.72 12.90
C PHE A 15 -4.22 -5.32 13.37
N ALA A 16 -4.58 -6.45 12.72
CA ALA A 16 -5.76 -7.26 13.02
C ALA A 16 -5.68 -7.88 14.42
N GLU A 17 -6.62 -7.53 15.29
CA GLU A 17 -6.71 -8.09 16.64
C GLU A 17 -7.32 -9.49 16.54
N GLN A 18 -8.57 -9.57 16.06
CA GLN A 18 -9.31 -10.82 15.93
C GLN A 18 -8.69 -11.72 14.85
N GLU A 19 -8.80 -13.06 15.04
CA GLU A 19 -8.33 -14.03 14.08
C GLU A 19 -9.19 -13.94 12.83
N ILE A 20 -8.53 -13.89 11.67
CA ILE A 20 -9.22 -13.90 10.39
C ILE A 20 -9.30 -15.34 9.90
N PRO A 21 -10.52 -15.85 9.54
CA PRO A 21 -10.60 -17.22 9.03
C PRO A 21 -9.72 -17.43 7.79
N LEU A 22 -8.90 -18.49 7.83
CA LEU A 22 -8.01 -18.88 6.73
C LEU A 22 -8.75 -18.93 5.38
N ARG A 23 -9.97 -19.50 5.35
CA ARG A 23 -10.83 -19.60 4.14
C ARG A 23 -11.19 -18.22 3.54
N ALA A 24 -11.13 -17.14 4.36
CA ALA A 24 -11.43 -15.77 3.95
C ALA A 24 -10.29 -15.09 3.18
N ILE A 25 -9.06 -15.66 3.26
CA ILE A 25 -7.83 -15.09 2.68
C ILE A 25 -7.48 -15.75 1.35
N LEU A 26 -7.04 -14.94 0.37
CA LEU A 26 -6.62 -15.41 -0.93
C LEU A 26 -5.12 -15.73 -0.93
N CYS A 27 -4.31 -14.79 -0.39
CA CYS A 27 -2.85 -14.83 -0.41
C CYS A 27 -2.26 -13.78 0.53
N TYR A 28 -0.94 -13.79 0.70
CA TYR A 28 -0.26 -12.79 1.52
C TYR A 28 0.89 -12.07 0.79
N ARG A 29 1.15 -10.83 1.22
CA ARG A 29 2.24 -9.97 0.72
CA ARG A 29 2.28 -10.07 0.72
C ARG A 29 3.07 -9.57 1.93
N ASN A 30 4.37 -9.37 1.75
CA ASN A 30 5.19 -8.87 2.83
C ASN A 30 5.08 -7.35 2.78
N THR A 31 5.27 -6.68 3.91
CA THR A 31 5.30 -5.21 3.94
C THR A 31 6.65 -4.82 3.30
N SER A 32 6.78 -3.60 2.77
CA SER A 32 8.05 -3.14 2.17
C SER A 32 9.12 -3.08 3.29
N SER A 33 10.36 -3.51 2.97
CA SER A 33 11.49 -3.60 3.90
C SER A 33 11.84 -2.34 4.65
N ILE A 34 11.62 -1.14 4.05
CA ILE A 34 11.92 0.16 4.70
C ILE A 34 11.04 0.39 5.96
N CYS A 35 9.82 -0.17 5.94
CA CYS A 35 8.84 -0.01 7.02
C CYS A 35 8.38 -1.38 7.53
N SER A 36 9.24 -2.42 7.43
CA SER A 36 8.89 -3.82 7.77
C SER A 36 7.96 -4.03 8.97
N ASN A 37 8.41 -3.59 10.17
CA ASN A 37 7.69 -3.64 11.43
C ASN A 37 6.98 -4.96 11.79
N GLU A 38 7.50 -6.10 11.28
CA GLU A 38 7.00 -7.46 11.56
C GLU A 38 5.57 -7.73 11.14
N GLY A 39 5.06 -6.92 10.22
CA GLY A 39 3.72 -7.06 9.70
C GLY A 39 3.68 -7.90 8.45
N LEU A 40 2.52 -8.49 8.19
CA LEU A 40 2.19 -9.33 7.03
C LEU A 40 0.88 -8.77 6.47
N ILE A 41 0.72 -8.72 5.15
CA ILE A 41 -0.57 -8.31 4.59
C ILE A 41 -1.30 -9.57 4.07
N PHE A 42 -2.54 -9.79 4.49
CA PHE A 42 -3.36 -10.85 3.93
C PHE A 42 -4.31 -10.19 2.93
N LYS A 43 -4.40 -10.75 1.72
CA LYS A 43 -5.34 -10.28 0.71
C LYS A 43 -6.60 -11.05 0.94
N LEU A 44 -7.71 -10.36 1.17
CA LEU A 44 -8.99 -11.02 1.42
C LEU A 44 -9.82 -11.03 0.12
N LYS A 45 -11.06 -11.53 0.20
CA LYS A 45 -11.94 -11.60 -0.97
C LYS A 45 -12.38 -10.21 -1.44
N ARG A 46 -12.85 -10.12 -2.70
CA ARG A 46 -13.32 -8.90 -3.35
C ARG A 46 -12.40 -7.67 -3.10
N GLY A 47 -11.09 -7.89 -3.28
CA GLY A 47 -10.06 -6.88 -3.14
C GLY A 47 -9.83 -6.27 -1.76
N LYS A 48 -10.42 -6.88 -0.70
CA LYS A 48 -10.26 -6.38 0.68
C LYS A 48 -8.88 -6.76 1.26
N GLU A 49 -8.46 -6.12 2.38
CA GLU A 49 -7.13 -6.39 2.97
C GLU A 49 -6.97 -6.30 4.49
N ALA A 50 -5.97 -7.02 4.99
CA ALA A 50 -5.70 -7.02 6.42
C ALA A 50 -4.23 -7.16 6.76
N CYS A 51 -3.73 -6.16 7.47
CA CYS A 51 -2.41 -6.15 8.07
C CYS A 51 -2.50 -7.07 9.26
N ALA A 52 -1.47 -7.88 9.46
CA ALA A 52 -1.47 -8.75 10.64
C ALA A 52 -0.05 -8.84 11.09
N LEU A 53 0.18 -8.88 12.38
CA LEU A 53 1.52 -8.91 12.98
C LEU A 53 2.04 -10.35 13.02
N ASP A 54 3.13 -10.61 12.30
CA ASP A 54 3.74 -11.94 12.14
C ASP A 54 4.35 -12.60 13.40
N THR A 55 4.34 -11.92 14.55
CA THR A 55 4.84 -12.55 15.80
C THR A 55 3.69 -13.26 16.51
N VAL A 56 2.45 -12.93 16.12
CA VAL A 56 1.21 -13.51 16.67
C VAL A 56 1.00 -14.90 16.03
N GLY A 57 0.79 -15.92 16.88
CA GLY A 57 0.61 -17.32 16.54
C GLY A 57 -0.19 -17.67 15.31
N TRP A 58 -1.48 -17.26 15.25
CA TRP A 58 -2.41 -17.57 14.14
C TRP A 58 -1.95 -17.07 12.77
N VAL A 59 -1.32 -15.87 12.73
CA VAL A 59 -0.81 -15.24 11.53
C VAL A 59 0.25 -16.14 10.87
N GLN A 60 1.16 -16.70 11.68
CA GLN A 60 2.26 -17.60 11.28
C GLN A 60 1.71 -18.88 10.66
N ARG A 61 0.71 -19.49 11.31
CA ARG A 61 0.07 -20.73 10.84
C ARG A 61 -0.74 -20.51 9.57
N HIS A 62 -1.39 -19.33 9.44
CA HIS A 62 -2.15 -18.92 8.24
C HIS A 62 -1.17 -18.75 7.07
N ARG A 63 -0.01 -18.09 7.32
CA ARG A 63 1.05 -17.81 6.35
C ARG A 63 1.55 -19.07 5.68
N LYS A 64 1.72 -20.15 6.47
CA LYS A 64 2.21 -21.46 6.00
C LYS A 64 1.21 -22.15 5.05
N MET A 65 -0.09 -21.84 5.18
CA MET A 65 -1.16 -22.45 4.39
C MET A 65 -1.64 -21.60 3.20
N LEU A 66 -0.88 -20.54 2.87
CA LEU A 66 -1.15 -19.64 1.76
C LEU A 66 0.04 -19.47 0.84
N ARG A 67 -0.20 -18.98 -0.38
CA ARG A 67 0.84 -18.62 -1.35
C ARG A 67 1.02 -17.07 -1.36
N HIS A 68 2.16 -16.56 -1.89
CA HIS A 68 2.44 -15.12 -2.03
C HIS A 68 1.50 -14.54 -3.07
N CYS A 69 0.95 -13.33 -2.84
CA CYS A 69 0.02 -12.68 -3.80
C CYS A 69 0.71 -12.44 -5.13
N PRO A 70 0.08 -12.76 -6.28
CA PRO A 70 0.76 -12.50 -7.57
C PRO A 70 0.76 -11.02 -7.94
N SER A 71 1.70 -10.65 -8.79
CA SER A 71 1.91 -9.31 -9.31
C SER A 71 1.88 -9.44 -10.81
N LYS A 72 1.91 -8.29 -11.51
CA LYS A 72 1.93 -8.21 -12.96
C LYS A 72 3.03 -7.26 -13.44
N ARG A 73 3.13 -7.05 -14.74
CA ARG A 73 4.05 -6.11 -15.37
C ARG A 73 3.41 -5.60 -16.67
N LYS A 74 2.06 -5.49 -16.64
CA LYS A 74 1.20 -4.99 -17.74
C LYS A 74 -0.24 -4.69 -17.26
N MET B 4 -13.67 -6.78 9.08
CA MET B 4 -12.51 -7.68 9.15
C MET B 4 -11.25 -7.03 8.52
N GLN B 5 -11.41 -5.87 7.87
CA GLN B 5 -10.30 -5.15 7.20
C GLN B 5 -9.50 -4.15 8.02
N VAL B 6 -8.16 -4.24 7.88
CA VAL B 6 -7.11 -3.38 8.52
C VAL B 6 -6.18 -3.04 7.37
N PRO B 7 -6.57 -2.05 6.53
CA PRO B 7 -5.80 -1.79 5.30
C PRO B 7 -4.36 -1.40 5.51
N PHE B 8 -3.48 -1.76 4.58
CA PHE B 8 -2.10 -1.34 4.66
C PHE B 8 -2.08 0.12 4.27
N SER B 9 -1.04 0.79 4.65
CA SER B 9 -0.88 2.20 4.34
C SER B 9 -0.02 2.29 3.07
N ARG B 10 -0.24 3.30 2.24
CA ARG B 10 0.60 3.56 1.05
C ARG B 10 1.53 4.71 1.38
N CYS B 11 2.83 4.41 1.48
CA CYS B 11 3.79 5.44 1.88
C CYS B 11 4.86 5.67 0.85
N CYS B 12 5.33 6.91 0.79
CA CYS B 12 6.37 7.31 -0.17
C CYS B 12 7.53 7.75 0.64
N PHE B 13 8.54 6.88 0.79
CA PHE B 13 9.75 7.28 1.54
C PHE B 13 10.90 7.67 0.58
N SER B 14 10.72 7.47 -0.74
CA SER B 14 11.71 7.85 -1.78
C SER B 14 10.90 8.51 -2.89
N PHE B 15 11.42 9.60 -3.49
CA PHE B 15 10.70 10.35 -4.50
C PHE B 15 11.41 10.49 -5.84
N ALA B 16 10.59 10.74 -6.88
CA ALA B 16 11.03 10.98 -8.25
C ALA B 16 11.84 12.30 -8.35
N GLU B 17 13.09 12.17 -8.76
CA GLU B 17 13.97 13.33 -8.96
C GLU B 17 13.58 14.00 -10.28
N GLN B 18 13.73 13.27 -11.40
CA GLN B 18 13.45 13.78 -12.74
C GLN B 18 11.95 13.98 -12.96
N GLU B 19 11.59 14.98 -13.76
CA GLU B 19 10.22 15.27 -14.14
C GLU B 19 9.67 14.08 -14.93
N ILE B 20 8.47 13.62 -14.58
CA ILE B 20 7.77 12.56 -15.30
C ILE B 20 6.81 13.23 -16.30
N PRO B 21 6.87 12.87 -17.60
CA PRO B 21 5.93 13.47 -18.56
C PRO B 21 4.47 13.24 -18.18
N LEU B 22 3.68 14.33 -18.15
CA LEU B 22 2.25 14.30 -17.82
C LEU B 22 1.50 13.23 -18.62
N ARG B 23 1.78 13.10 -19.94
CA ARG B 23 1.18 12.09 -20.84
C ARG B 23 1.44 10.63 -20.38
N ALA B 24 2.50 10.42 -19.59
CA ALA B 24 2.89 9.10 -19.06
C ALA B 24 2.05 8.64 -17.87
N ILE B 25 1.33 9.59 -17.22
CA ILE B 25 0.55 9.35 -15.99
C ILE B 25 -0.93 9.17 -16.28
N LEU B 26 -1.57 8.20 -15.60
CA LEU B 26 -2.99 7.93 -15.71
C LEU B 26 -3.78 8.78 -14.73
N CYS B 27 -3.35 8.78 -13.45
CA CYS B 27 -4.04 9.40 -12.33
C CYS B 27 -3.12 9.48 -11.11
N TYR B 28 -3.57 10.15 -10.06
CA TYR B 28 -2.81 10.22 -8.82
C TYR B 28 -3.64 9.70 -7.62
N ARG B 29 -2.92 9.39 -6.53
CA ARG B 29 -3.50 9.01 -5.25
CA ARG B 29 -3.43 8.92 -5.23
C ARG B 29 -2.67 9.69 -4.16
N ASN B 30 -3.29 9.91 -3.01
CA ASN B 30 -2.61 10.54 -1.91
C ASN B 30 -1.97 9.42 -1.10
N THR B 31 -0.88 9.73 -0.39
CA THR B 31 -0.26 8.75 0.52
C THR B 31 -1.20 8.65 1.73
N SER B 32 -1.17 7.56 2.48
CA SER B 32 -2.01 7.42 3.69
C SER B 32 -1.58 8.48 4.72
N SER B 33 -2.57 9.11 5.40
CA SER B 33 -2.37 10.20 6.37
C SER B 33 -1.42 9.93 7.51
N ILE B 34 -1.28 8.67 7.95
CA ILE B 34 -0.35 8.28 9.05
C ILE B 34 1.12 8.49 8.66
N CYS B 35 1.43 8.37 7.36
CA CYS B 35 2.78 8.49 6.81
C CYS B 35 2.82 9.54 5.69
N SER B 36 1.92 10.56 5.74
CA SER B 36 1.78 11.58 4.69
C SER B 36 3.09 12.02 4.02
N ASN B 37 3.99 12.65 4.77
CA ASN B 37 5.29 13.12 4.32
C ASN B 37 5.32 13.96 3.03
N GLU B 38 4.19 14.64 2.71
CA GLU B 38 4.04 15.55 1.55
C GLU B 38 4.25 14.88 0.18
N GLY B 39 4.09 13.57 0.15
CA GLY B 39 4.23 12.80 -1.08
C GLY B 39 2.91 12.61 -1.78
N LEU B 40 2.98 12.37 -3.09
CA LEU B 40 1.87 12.12 -4.01
C LEU B 40 2.23 10.85 -4.80
N ILE B 41 1.26 9.97 -5.09
CA ILE B 41 1.57 8.82 -5.94
C ILE B 41 0.97 9.09 -7.34
N PHE B 42 1.79 8.96 -8.40
CA PHE B 42 1.27 9.02 -9.75
C PHE B 42 1.19 7.59 -10.26
N LYS B 43 0.03 7.21 -10.81
CA LYS B 43 -0.14 5.89 -11.43
C LYS B 43 0.30 6.04 -12.86
N LEU B 44 1.23 5.22 -13.30
CA LEU B 44 1.69 5.29 -14.68
C LEU B 44 1.05 4.15 -15.46
N LYS B 45 1.45 3.98 -16.72
CA LYS B 45 0.92 2.93 -17.59
C LYS B 45 1.39 1.54 -17.16
N ARG B 46 0.73 0.50 -17.67
CA ARG B 46 1.00 -0.92 -17.38
C ARG B 46 1.25 -1.19 -15.88
N GLY B 47 0.42 -0.57 -15.04
CA GLY B 47 0.45 -0.71 -13.58
C GLY B 47 1.68 -0.19 -12.85
N LYS B 48 2.54 0.59 -13.54
CA LYS B 48 3.75 1.17 -12.96
C LYS B 48 3.39 2.35 -12.02
N GLU B 49 4.32 2.72 -11.11
CA GLU B 49 4.06 3.80 -10.14
C GLU B 49 5.22 4.72 -9.74
N ALA B 50 4.88 5.95 -9.37
CA ALA B 50 5.90 6.91 -8.96
C ALA B 50 5.44 7.83 -7.84
N CYS B 51 6.17 7.76 -6.75
CA CYS B 51 6.08 8.67 -5.62
C CYS B 51 6.66 9.97 -6.05
N ALA B 52 6.03 11.06 -5.69
CA ALA B 52 6.60 12.37 -6.07
C ALA B 52 6.26 13.29 -4.93
N LEU B 53 7.17 14.19 -4.60
CA LEU B 53 7.03 15.12 -3.48
C LEU B 53 6.23 16.34 -3.92
N ASP B 54 5.07 16.55 -3.29
CA ASP B 54 4.11 17.61 -3.64
C ASP B 54 4.56 19.08 -3.38
N THR B 55 5.76 19.30 -2.81
CA THR B 55 6.25 20.68 -2.62
C THR B 55 7.04 21.11 -3.85
N VAL B 56 7.43 20.14 -4.70
CA VAL B 56 8.18 20.35 -5.94
C VAL B 56 7.20 20.84 -7.03
N GLY B 57 7.56 21.95 -7.67
CA GLY B 57 6.78 22.65 -8.70
C GLY B 57 6.01 21.81 -9.71
N TRP B 58 6.73 20.96 -10.49
CA TRP B 58 6.14 20.14 -11.56
C TRP B 58 5.06 19.17 -11.11
N VAL B 59 5.23 18.59 -9.90
CA VAL B 59 4.31 17.64 -9.28
C VAL B 59 2.94 18.30 -9.07
N GLN B 60 2.95 19.56 -8.58
CA GLN B 60 1.77 20.39 -8.31
C GLN B 60 0.99 20.68 -9.59
N ARG B 61 1.72 21.07 -10.66
CA ARG B 61 1.12 21.38 -11.96
C ARG B 61 0.56 20.13 -12.65
N HIS B 62 1.25 18.98 -12.48
CA HIS B 62 0.81 17.68 -13.00
C HIS B 62 -0.48 17.26 -12.29
N ARG B 63 -0.50 17.43 -10.93
CA ARG B 63 -1.64 17.08 -10.08
C ARG B 63 -2.91 17.76 -10.55
N LYS B 64 -2.84 19.07 -10.90
CA LYS B 64 -3.98 19.88 -11.37
C LYS B 64 -4.56 19.37 -12.69
N MET B 65 -3.74 18.71 -13.52
CA MET B 65 -4.14 18.21 -14.84
C MET B 65 -4.53 16.72 -14.88
N LEU B 66 -4.69 16.11 -13.69
CA LEU B 66 -5.06 14.70 -13.51
C LEU B 66 -6.24 14.54 -12.57
N ARG B 67 -6.89 13.38 -12.63
CA ARG B 67 -7.98 13.01 -11.71
C ARG B 67 -7.43 11.98 -10.68
N HIS B 68 -8.14 11.80 -9.52
CA HIS B 68 -7.80 10.84 -8.45
CA HIS B 68 -7.73 10.84 -8.49
C HIS B 68 -7.96 9.42 -9.03
N CYS B 69 -7.03 8.48 -8.74
CA CYS B 69 -7.10 7.10 -9.23
C CYS B 69 -8.35 6.43 -8.71
N PRO B 70 -9.12 5.71 -9.57
CA PRO B 70 -10.30 5.00 -9.02
C PRO B 70 -9.90 3.75 -8.26
N SER B 71 -10.78 3.33 -7.35
CA SER B 71 -10.69 2.12 -6.54
C SER B 71 -11.95 1.36 -6.79
N LYS B 72 -12.07 0.17 -6.20
CA LYS B 72 -13.24 -0.68 -6.34
C LYS B 72 -13.71 -1.19 -4.97
N ARG B 73 -14.76 -2.02 -4.96
CA ARG B 73 -15.30 -2.64 -3.76
C ARG B 73 -15.84 -4.04 -4.11
N LYS B 74 -15.24 -4.64 -5.17
CA LYS B 74 -15.53 -5.99 -5.68
C LYS B 74 -14.41 -6.53 -6.60
N GLY C 39 -7.52 5.30 18.80
CA GLY C 39 -6.24 5.28 19.48
C GLY C 39 -6.15 6.39 20.50
N GLY C 47 9.21 5.82 31.76
CA GLY C 47 8.18 4.79 31.77
C GLY C 47 7.64 4.38 30.41
N GLY C 57 -3.12 14.54 12.09
CA GLY C 57 -2.92 15.93 12.48
C GLY C 57 -2.01 16.17 13.66
N GLY D 39 -6.20 -14.98 28.50
CA GLY D 39 -6.26 -14.03 29.59
C GLY D 39 -5.03 -14.14 30.46
N GLY D 47 -3.26 -0.69 43.87
CA GLY D 47 -3.24 -0.37 42.43
C GLY D 47 -4.21 -1.15 41.56
N GLY D 57 -9.68 -23.47 36.57
CA GLY D 57 -8.89 -24.12 37.61
C GLY D 57 -8.26 -23.21 38.64
#